data_2VRN
#
_entry.id   2VRN
#
_cell.length_a   65.838
_cell.length_b   88.562
_cell.length_c   64.088
_cell.angle_alpha   90.00
_cell.angle_beta   90.00
_cell.angle_gamma   90.00
#
_symmetry.space_group_name_H-M   'P 21 21 2'
#
loop_
_entity.id
_entity.type
_entity.pdbx_description
1 polymer 'PROTEASE I'
2 non-polymer 'MAGNESIUM ION'
3 water water
#
_entity_poly.entity_id   1
_entity_poly.type   'polypeptide(L)'
_entity_poly.pdbx_seq_one_letter_code
;MTKAKDLTGKKIAILAADGVEEIELTSPRAAIEAAGGTTELISLEPGEIQSMKGDIEPQEKYRVDHVVSEVQVSDYDGLL
LPGGTVNPDKLRLEEGAMKFVRDMYDAGKPIAAI(CSO)HGPWSLSETGIAQGLKMTSWSSLKRELTLAGAQWVDEECVT
DKGVVTSRKPDDLPAFNKKIVEEFAEGDHSSRRK
;
_entity_poly.pdbx_strand_id   A,B
#
# COMPACT_ATOMS: atom_id res chain seq x y z
N ASP A 6 5.73 -30.33 -14.62
CA ASP A 6 6.64 -30.02 -15.77
C ASP A 6 6.17 -28.79 -16.50
N LEU A 7 7.08 -27.82 -16.62
CA LEU A 7 6.80 -26.55 -17.25
C LEU A 7 7.64 -26.34 -18.52
N THR A 8 8.18 -27.43 -19.06
CA THR A 8 8.92 -27.40 -20.33
C THR A 8 8.06 -26.75 -21.42
N GLY A 9 8.61 -25.70 -22.03
CA GLY A 9 7.91 -24.96 -23.09
C GLY A 9 6.92 -23.94 -22.59
N LYS A 10 6.82 -23.80 -21.27
CA LYS A 10 5.93 -22.81 -20.69
C LYS A 10 6.72 -21.59 -20.20
N LYS A 11 6.24 -20.42 -20.58
CA LYS A 11 6.86 -19.16 -20.21
C LYS A 11 5.92 -18.38 -19.31
N ILE A 12 6.44 -17.97 -18.15
CA ILE A 12 5.68 -17.22 -17.14
C ILE A 12 6.10 -15.75 -17.13
N ALA A 13 5.08 -14.87 -17.11
CA ALA A 13 5.28 -13.43 -16.96
C ALA A 13 5.34 -13.06 -15.49
N ILE A 14 6.42 -12.38 -15.11
CA ILE A 14 6.48 -11.78 -13.77
C ILE A 14 6.28 -10.28 -13.88
N LEU A 15 5.16 -9.78 -13.36
CA LEU A 15 4.87 -8.36 -13.43
C LEU A 15 5.28 -7.67 -12.13
N ALA A 16 6.23 -6.74 -12.23
CA ALA A 16 6.77 -6.08 -11.04
C ALA A 16 7.39 -4.72 -11.35
N ALA A 17 7.16 -3.78 -10.45
CA ALA A 17 7.75 -2.44 -10.49
C ALA A 17 8.86 -2.35 -9.46
N ASP A 18 9.46 -1.16 -9.34
CA ASP A 18 10.38 -0.79 -8.27
C ASP A 18 9.68 -1.04 -6.97
N GLY A 19 10.42 -1.64 -6.02
CA GLY A 19 9.91 -1.87 -4.70
C GLY A 19 9.49 -3.31 -4.43
N VAL A 20 9.69 -4.18 -5.41
CA VAL A 20 9.37 -5.60 -5.30
C VAL A 20 10.19 -6.29 -4.18
N GLU A 21 9.53 -7.15 -3.39
CA GLU A 21 10.24 -7.94 -2.41
C GLU A 21 11.11 -8.91 -3.17
N GLU A 22 12.42 -8.84 -2.93
CA GLU A 22 13.40 -9.63 -3.67
C GLU A 22 13.10 -11.13 -3.67
N ILE A 23 12.94 -11.72 -2.49
CA ILE A 23 12.71 -13.17 -2.34
C ILE A 23 11.43 -13.65 -3.03
N GLU A 24 10.44 -12.76 -3.13
CA GLU A 24 9.16 -13.10 -3.73
C GLU A 24 9.21 -13.05 -5.25
N LEU A 25 10.29 -12.48 -5.78
CA LEU A 25 10.57 -12.57 -7.21
C LEU A 25 11.50 -13.77 -7.51
N THR A 26 12.59 -13.86 -6.74
CA THR A 26 13.64 -14.84 -7.02
C THR A 26 13.27 -16.28 -6.68
N SER A 27 12.53 -16.47 -5.59
CA SER A 27 12.23 -17.84 -5.13
C SER A 27 11.17 -18.56 -5.97
N PRO A 28 10.04 -17.90 -6.28
CA PRO A 28 9.13 -18.50 -7.28
C PRO A 28 9.71 -18.65 -8.70
N ARG A 29 10.45 -17.64 -9.17
CA ARG A 29 11.19 -17.75 -10.45
C ARG A 29 12.07 -19.01 -10.48
N ALA A 30 12.80 -19.25 -9.38
CA ALA A 30 13.65 -20.46 -9.24
C ALA A 30 12.86 -21.77 -9.24
N ALA A 31 11.64 -21.74 -8.70
CA ALA A 31 10.74 -22.90 -8.75
C ALA A 31 10.26 -23.18 -10.18
N ILE A 32 9.98 -22.11 -10.92
CA ILE A 32 9.45 -22.22 -12.29
C ILE A 32 10.49 -22.81 -13.23
N GLU A 33 11.72 -22.31 -13.12
CA GLU A 33 12.84 -22.83 -13.89
C GLU A 33 13.21 -24.26 -13.47
N ALA A 34 13.09 -24.55 -12.17
CA ALA A 34 13.37 -25.90 -11.65
C ALA A 34 12.37 -26.92 -12.17
N ALA A 35 11.16 -26.44 -12.45
CA ALA A 35 10.09 -27.26 -13.04
C ALA A 35 10.20 -27.32 -14.56
N GLY A 36 11.23 -26.67 -15.12
CA GLY A 36 11.51 -26.73 -16.54
C GLY A 36 11.02 -25.53 -17.36
N GLY A 37 10.31 -24.62 -16.72
CA GLY A 37 9.79 -23.43 -17.40
C GLY A 37 10.78 -22.30 -17.49
N THR A 38 10.39 -21.24 -18.20
CA THR A 38 11.14 -20.00 -18.22
C THR A 38 10.26 -18.87 -17.69
N THR A 39 10.88 -17.79 -17.21
CA THR A 39 10.15 -16.58 -16.83
C THR A 39 10.71 -15.37 -17.57
N GLU A 40 9.89 -14.32 -17.68
CA GLU A 40 10.36 -13.02 -18.14
C GLU A 40 9.84 -11.93 -17.21
N LEU A 41 10.71 -10.97 -16.90
CA LEU A 41 10.33 -9.87 -16.03
C LEU A 41 9.71 -8.71 -16.83
N ILE A 42 8.44 -8.44 -16.56
CA ILE A 42 7.67 -7.41 -17.26
C ILE A 42 7.48 -6.26 -16.28
N SER A 43 7.62 -5.03 -16.78
CA SER A 43 7.55 -3.86 -15.90
C SER A 43 6.99 -2.59 -16.56
N LEU A 44 7.00 -1.48 -15.82
N LEU A 44 7.02 -1.49 -15.81
CA LEU A 44 6.45 -0.23 -16.34
CA LEU A 44 6.46 -0.21 -16.24
C LEU A 44 7.41 0.48 -17.27
C LEU A 44 7.38 0.58 -17.16
N GLU A 45 8.68 0.49 -16.90
CA GLU A 45 9.71 1.22 -17.64
C GLU A 45 10.87 0.30 -18.00
N PRO A 46 11.60 0.63 -19.08
CA PRO A 46 12.73 -0.21 -19.46
C PRO A 46 13.92 -0.01 -18.52
N GLY A 47 14.83 -0.98 -18.50
CA GLY A 47 16.04 -0.89 -17.69
C GLY A 47 16.02 -1.91 -16.58
N GLU A 48 16.03 -1.42 -15.35
CA GLU A 48 16.06 -2.26 -14.16
C GLU A 48 15.01 -1.85 -13.16
N ILE A 49 14.81 -2.72 -12.18
N ILE A 49 14.69 -2.76 -12.24
CA ILE A 49 13.84 -2.57 -11.10
CA ILE A 49 13.84 -2.41 -11.09
C ILE A 49 14.55 -2.76 -9.75
C ILE A 49 14.57 -2.70 -9.79
N GLN A 50 14.32 -1.83 -8.80
CA GLN A 50 14.91 -1.96 -7.46
C GLN A 50 14.15 -2.95 -6.57
N SER A 51 14.80 -4.06 -6.20
CA SER A 51 14.24 -4.99 -5.22
C SER A 51 14.52 -4.54 -3.78
N MET A 52 13.71 -5.04 -2.85
CA MET A 52 13.84 -4.66 -1.44
C MET A 52 13.85 -5.90 -0.56
N LYS A 53 14.30 -5.72 0.68
CA LYS A 53 14.08 -6.69 1.75
C LYS A 53 13.33 -6.03 2.89
N GLY A 54 12.22 -6.64 3.28
CA GLY A 54 11.36 -6.09 4.33
C GLY A 54 10.78 -4.75 3.89
N ASP A 55 10.61 -4.60 2.57
CA ASP A 55 9.95 -3.45 1.94
C ASP A 55 10.80 -2.20 1.75
N ILE A 56 11.75 -1.96 2.65
CA ILE A 56 12.46 -0.67 2.69
C ILE A 56 14.00 -0.69 2.65
N GLU A 57 14.59 -1.89 2.66
CA GLU A 57 16.05 -2.03 2.55
C GLU A 57 16.45 -2.44 1.13
N PRO A 58 16.97 -1.49 0.32
CA PRO A 58 17.27 -1.82 -1.08
C PRO A 58 18.28 -2.97 -1.21
N GLN A 59 17.97 -3.93 -2.07
CA GLN A 59 18.84 -5.07 -2.33
C GLN A 59 19.28 -4.96 -3.77
N GLU A 60 19.25 -6.07 -4.50
CA GLU A 60 19.74 -6.11 -5.87
C GLU A 60 18.79 -5.43 -6.86
N LYS A 61 19.30 -5.16 -8.05
CA LYS A 61 18.51 -4.63 -9.14
C LYS A 61 18.33 -5.71 -10.19
N TYR A 62 17.14 -5.74 -10.79
CA TYR A 62 16.77 -6.80 -11.73
C TYR A 62 16.38 -6.21 -13.08
N ARG A 63 16.94 -6.77 -14.14
CA ARG A 63 16.78 -6.25 -15.51
C ARG A 63 15.40 -6.56 -16.06
N VAL A 64 14.70 -5.55 -16.58
CA VAL A 64 13.38 -5.75 -17.15
C VAL A 64 13.51 -6.23 -18.60
N ASP A 65 12.79 -7.29 -18.93
CA ASP A 65 12.83 -7.86 -20.28
C ASP A 65 11.94 -7.08 -21.25
N HIS A 66 10.77 -6.68 -20.79
CA HIS A 66 9.85 -5.88 -21.61
C HIS A 66 9.04 -4.90 -20.76
N VAL A 67 8.70 -3.75 -21.35
CA VAL A 67 7.64 -2.90 -20.81
C VAL A 67 6.27 -3.53 -21.11
N VAL A 68 5.30 -3.22 -20.27
CA VAL A 68 3.99 -3.87 -20.29
C VAL A 68 3.26 -3.73 -21.64
N SER A 69 3.45 -2.58 -22.30
CA SER A 69 2.83 -2.29 -23.57
C SER A 69 3.50 -3.03 -24.74
N GLU A 70 4.68 -3.59 -24.46
CA GLU A 70 5.48 -4.24 -25.50
C GLU A 70 5.22 -5.75 -25.61
N VAL A 71 4.38 -6.27 -24.70
CA VAL A 71 4.00 -7.69 -24.72
C VAL A 71 2.50 -7.94 -24.89
N GLN A 72 2.18 -9.15 -25.35
CA GLN A 72 0.78 -9.60 -25.46
C GLN A 72 0.53 -10.82 -24.54
N VAL A 73 -0.74 -11.03 -24.20
CA VAL A 73 -1.16 -12.16 -23.33
C VAL A 73 -0.81 -13.55 -23.93
N SER A 74 -0.84 -13.66 -25.26
CA SER A 74 -0.59 -14.93 -25.93
C SER A 74 0.87 -15.45 -25.86
N ASP A 75 1.79 -14.59 -25.45
CA ASP A 75 3.18 -15.00 -25.25
C ASP A 75 3.40 -15.76 -23.94
N TYR A 76 2.40 -15.76 -23.06
CA TYR A 76 2.58 -16.34 -21.72
C TYR A 76 1.60 -17.45 -21.38
N ASP A 77 2.05 -18.35 -20.50
CA ASP A 77 1.26 -19.48 -20.03
C ASP A 77 0.82 -19.26 -18.58
N GLY A 78 1.34 -18.20 -17.97
CA GLY A 78 0.94 -17.82 -16.61
C GLY A 78 1.47 -16.49 -16.15
N LEU A 79 0.97 -16.02 -15.01
CA LEU A 79 1.36 -14.73 -14.44
C LEU A 79 1.73 -14.87 -12.97
N LEU A 80 2.85 -14.26 -12.59
CA LEU A 80 3.29 -14.14 -11.20
C LEU A 80 3.26 -12.66 -10.80
N LEU A 81 2.59 -12.39 -9.69
CA LEU A 81 2.56 -11.06 -9.11
C LEU A 81 3.25 -11.08 -7.73
N PRO A 82 4.56 -10.85 -7.69
CA PRO A 82 5.28 -10.76 -6.41
C PRO A 82 4.87 -9.51 -5.63
N GLY A 83 5.13 -9.49 -4.34
CA GLY A 83 4.73 -8.37 -3.49
C GLY A 83 5.83 -7.36 -3.24
N GLY A 84 6.05 -7.03 -1.96
CA GLY A 84 6.79 -5.87 -1.56
C GLY A 84 5.85 -4.67 -1.71
N THR A 85 5.64 -3.94 -0.62
CA THR A 85 4.53 -3.00 -0.52
C THR A 85 4.45 -2.00 -1.70
N VAL A 86 5.59 -1.40 -2.05
CA VAL A 86 5.65 -0.33 -3.06
C VAL A 86 5.34 -0.79 -4.50
N ASN A 87 5.80 -1.99 -4.86
CA ASN A 87 5.66 -2.53 -6.20
C ASN A 87 4.19 -2.61 -6.72
N PRO A 88 3.33 -3.43 -6.09
CA PRO A 88 1.95 -3.45 -6.59
C PRO A 88 1.21 -2.10 -6.46
N ASP A 89 1.59 -1.28 -5.49
CA ASP A 89 1.02 0.05 -5.33
C ASP A 89 1.32 1.01 -6.51
N LYS A 90 2.52 0.87 -7.09
CA LYS A 90 2.89 1.54 -8.34
C LYS A 90 2.21 0.91 -9.57
N LEU A 91 2.18 -0.42 -9.63
CA LEU A 91 1.54 -1.13 -10.77
C LEU A 91 0.07 -0.78 -10.97
N ARG A 92 -0.68 -0.72 -9.86
CA ARG A 92 -2.13 -0.54 -9.90
C ARG A 92 -2.52 0.81 -10.51
N LEU A 93 -1.59 1.76 -10.54
CA LEU A 93 -1.83 3.08 -11.14
C LEU A 93 -1.64 3.13 -12.67
N GLU A 94 -1.08 2.07 -13.24
CA GLU A 94 -0.76 2.09 -14.67
C GLU A 94 -1.74 1.26 -15.49
N GLU A 95 -2.46 1.92 -16.38
CA GLU A 95 -3.53 1.28 -17.18
C GLU A 95 -3.11 0.06 -18.00
N GLY A 96 -1.97 0.16 -18.70
CA GLY A 96 -1.42 -0.98 -19.43
C GLY A 96 -1.09 -2.17 -18.52
N ALA A 97 -0.60 -1.89 -17.32
CA ALA A 97 -0.28 -2.95 -16.35
C ALA A 97 -1.55 -3.69 -15.92
N MET A 98 -2.59 -2.91 -15.58
CA MET A 98 -3.84 -3.47 -15.08
C MET A 98 -4.60 -4.16 -16.19
N LYS A 99 -4.49 -3.65 -17.41
CA LYS A 99 -5.11 -4.27 -18.59
C LYS A 99 -4.52 -5.66 -18.88
N PHE A 100 -3.20 -5.78 -18.70
CA PHE A 100 -2.48 -7.01 -18.91
C PHE A 100 -2.90 -8.08 -17.87
N VAL A 101 -3.04 -7.66 -16.62
CA VAL A 101 -3.49 -8.55 -15.54
C VAL A 101 -4.91 -9.05 -15.81
N ARG A 102 -5.79 -8.14 -16.21
CA ARG A 102 -7.18 -8.48 -16.50
C ARG A 102 -7.24 -9.40 -17.72
N ASP A 103 -6.60 -8.99 -18.83
CA ASP A 103 -6.49 -9.81 -20.04
C ASP A 103 -5.93 -11.21 -19.76
N MET A 104 -4.88 -11.33 -18.95
CA MET A 104 -4.34 -12.65 -18.58
C MET A 104 -5.43 -13.51 -17.98
N TYR A 105 -6.11 -12.98 -16.98
CA TYR A 105 -7.27 -13.60 -16.36
C TYR A 105 -8.39 -14.02 -17.34
N ASP A 106 -8.88 -13.06 -18.12
CA ASP A 106 -9.97 -13.31 -19.07
C ASP A 106 -9.59 -14.32 -20.15
N ALA A 107 -8.28 -14.51 -20.38
CA ALA A 107 -7.83 -15.52 -21.35
C ALA A 107 -7.68 -16.90 -20.73
N GLY A 108 -7.92 -17.02 -19.43
CA GLY A 108 -7.88 -18.31 -18.73
C GLY A 108 -6.54 -18.71 -18.15
N LYS A 109 -5.56 -17.80 -18.21
CA LYS A 109 -4.21 -18.11 -17.77
C LYS A 109 -4.09 -18.14 -16.25
N PRO A 110 -3.34 -19.13 -15.71
CA PRO A 110 -3.15 -19.27 -14.26
C PRO A 110 -2.42 -18.06 -13.70
N ILE A 111 -2.84 -17.61 -12.53
CA ILE A 111 -2.26 -16.41 -11.92
C ILE A 111 -1.87 -16.70 -10.48
N ALA A 112 -0.63 -16.35 -10.15
CA ALA A 112 -0.14 -16.40 -8.78
C ALA A 112 0.22 -15.02 -8.26
N ALA A 113 -0.28 -14.69 -7.08
CA ALA A 113 0.06 -13.44 -6.39
C ALA A 113 0.39 -13.75 -4.94
N ILE A 114 1.52 -13.21 -4.48
CA ILE A 114 1.92 -13.35 -3.09
C ILE A 114 2.02 -12.02 -2.33
N HIS A 116 1.78 -8.62 -0.85
CA HIS A 116 1.12 -7.39 -1.36
C HIS A 116 0.70 -7.52 -2.83
N GLY A 117 1.21 -8.54 -3.52
CA GLY A 117 0.85 -8.83 -4.92
C GLY A 117 -0.63 -8.81 -5.31
N PRO A 118 -1.49 -9.43 -4.48
CA PRO A 118 -2.96 -9.40 -4.68
C PRO A 118 -3.64 -8.04 -4.90
N TRP A 119 -3.00 -6.93 -4.52
CA TRP A 119 -3.56 -5.60 -4.78
C TRP A 119 -3.98 -5.39 -6.26
N SER A 120 -3.24 -6.01 -7.18
CA SER A 120 -3.54 -5.91 -8.59
C SER A 120 -4.81 -6.70 -8.95
N LEU A 121 -5.10 -7.76 -8.20
CA LEU A 121 -6.31 -8.55 -8.38
C LEU A 121 -7.55 -7.77 -7.90
N SER A 122 -7.36 -6.91 -6.91
CA SER A 122 -8.42 -6.03 -6.45
C SER A 122 -8.69 -4.91 -7.47
N GLU A 123 -7.62 -4.29 -7.98
CA GLU A 123 -7.78 -3.14 -8.90
C GLU A 123 -8.47 -3.53 -10.20
N THR A 124 -8.18 -4.75 -10.67
CA THR A 124 -8.74 -5.27 -11.90
C THR A 124 -10.13 -5.88 -11.73
N GLY A 125 -10.57 -6.06 -10.48
CA GLY A 125 -11.93 -6.63 -10.20
C GLY A 125 -11.93 -8.14 -10.06
N ILE A 126 -10.77 -8.75 -10.24
CA ILE A 126 -10.58 -10.18 -10.20
C ILE A 126 -10.93 -10.78 -8.82
N ALA A 127 -10.80 -9.97 -7.77
CA ALA A 127 -10.92 -10.42 -6.39
C ALA A 127 -12.37 -10.75 -6.04
N GLN A 128 -13.29 -10.10 -6.75
CA GLN A 128 -14.71 -10.22 -6.53
C GLN A 128 -15.19 -11.67 -6.68
N GLY A 129 -15.75 -12.23 -5.61
CA GLY A 129 -16.19 -13.61 -5.59
C GLY A 129 -15.05 -14.64 -5.55
N LEU A 130 -13.81 -14.16 -5.48
CA LEU A 130 -12.65 -15.04 -5.43
C LEU A 130 -12.27 -15.47 -4.01
N LYS A 131 -12.04 -16.77 -3.81
CA LYS A 131 -11.41 -17.27 -2.59
C LYS A 131 -9.90 -17.07 -2.68
N MET A 132 -9.31 -16.44 -1.66
CA MET A 132 -7.93 -15.97 -1.74
C MET A 132 -7.37 -15.57 -0.39
N THR A 133 -6.03 -15.44 -0.33
CA THR A 133 -5.36 -14.87 0.81
C THR A 133 -4.43 -13.77 0.33
N SER A 134 -3.71 -13.16 1.28
CA SER A 134 -2.78 -12.05 1.03
C SER A 134 -2.05 -11.73 2.32
N TRP A 135 -1.12 -10.76 2.27
CA TRP A 135 -0.57 -10.14 3.48
C TRP A 135 -1.71 -9.48 4.24
N SER A 136 -1.65 -9.52 5.58
CA SER A 136 -2.78 -9.14 6.45
C SER A 136 -3.35 -7.73 6.21
N SER A 137 -2.50 -6.82 5.72
CA SER A 137 -2.88 -5.42 5.52
C SER A 137 -3.82 -5.18 4.33
N LEU A 138 -3.90 -6.18 3.43
CA LEU A 138 -4.81 -6.15 2.28
C LEU A 138 -6.20 -6.70 2.58
N LYS A 139 -6.36 -7.32 3.76
CA LYS A 139 -7.66 -7.89 4.16
C LYS A 139 -8.82 -6.92 3.98
N ARG A 140 -8.69 -5.69 4.48
CA ARG A 140 -9.79 -4.73 4.37
C ARG A 140 -10.22 -4.50 2.91
N GLU A 141 -9.31 -4.01 2.08
CA GLU A 141 -9.65 -3.74 0.68
C GLU A 141 -10.19 -4.96 -0.05
N LEU A 142 -9.54 -6.12 0.16
CA LEU A 142 -9.99 -7.35 -0.48
C LEU A 142 -11.35 -7.81 -0.03
N THR A 143 -11.69 -7.64 1.24
CA THR A 143 -13.05 -8.00 1.71
C THR A 143 -14.07 -7.01 1.15
N LEU A 144 -13.77 -5.72 1.25
CA LEU A 144 -14.61 -4.69 0.62
C LEU A 144 -14.79 -4.92 -0.89
N ALA A 145 -13.76 -5.46 -1.55
CA ALA A 145 -13.81 -5.71 -3.00
C ALA A 145 -14.61 -6.96 -3.38
N GLY A 146 -15.11 -7.69 -2.39
CA GLY A 146 -16.02 -8.81 -2.59
C GLY A 146 -15.34 -10.16 -2.55
N ALA A 147 -14.11 -10.19 -2.03
CA ALA A 147 -13.35 -11.44 -1.91
C ALA A 147 -13.85 -12.32 -0.77
N GLN A 148 -13.68 -13.63 -0.95
CA GLN A 148 -13.83 -14.58 0.14
C GLN A 148 -12.44 -14.77 0.74
N TRP A 149 -12.07 -13.84 1.61
CA TRP A 149 -10.70 -13.74 2.13
C TRP A 149 -10.51 -14.71 3.28
N VAL A 150 -9.40 -15.45 3.23
CA VAL A 150 -9.00 -16.38 4.29
C VAL A 150 -7.52 -16.16 4.68
N ASP A 151 -7.16 -16.53 5.91
CA ASP A 151 -5.78 -16.49 6.39
C ASP A 151 -5.20 -17.91 6.32
N GLU A 152 -4.66 -18.26 5.16
CA GLU A 152 -4.07 -19.59 4.90
C GLU A 152 -2.79 -19.47 4.07
N GLU A 153 -1.84 -20.38 4.28
CA GLU A 153 -0.51 -20.27 3.63
C GLU A 153 -0.59 -20.29 2.11
N CYS A 154 -1.51 -21.09 1.57
CA CYS A 154 -1.72 -21.11 0.13
C CYS A 154 -3.16 -21.43 -0.24
N VAL A 155 -3.75 -20.57 -1.07
CA VAL A 155 -5.14 -20.69 -1.54
C VAL A 155 -5.19 -20.69 -3.08
N THR A 156 -5.91 -21.66 -3.64
CA THR A 156 -6.14 -21.73 -5.08
C THR A 156 -7.64 -21.75 -5.35
N ASP A 157 -8.10 -20.79 -6.16
CA ASP A 157 -9.49 -20.73 -6.62
C ASP A 157 -9.52 -20.20 -8.06
N LYS A 158 -10.18 -20.92 -8.97
CA LYS A 158 -10.32 -20.48 -10.37
C LYS A 158 -8.97 -20.23 -11.06
N GLY A 159 -7.98 -21.06 -10.73
CA GLY A 159 -6.63 -20.93 -11.28
C GLY A 159 -5.84 -19.73 -10.77
N VAL A 160 -6.30 -19.15 -9.66
CA VAL A 160 -5.59 -18.05 -9.02
C VAL A 160 -4.99 -18.53 -7.70
N VAL A 161 -3.66 -18.51 -7.64
CA VAL A 161 -2.94 -18.92 -6.44
C VAL A 161 -2.47 -17.70 -5.65
N THR A 162 -2.82 -17.67 -4.37
CA THR A 162 -2.36 -16.61 -3.49
C THR A 162 -1.71 -17.14 -2.22
N SER A 163 -0.76 -16.37 -1.70
CA SER A 163 -0.10 -16.65 -0.41
C SER A 163 0.14 -15.32 0.31
N ARG A 164 0.49 -15.40 1.58
CA ARG A 164 0.52 -14.25 2.50
C ARG A 164 1.87 -13.56 2.67
N LYS A 165 2.96 -14.34 2.58
CA LYS A 165 4.28 -13.91 3.06
C LYS A 165 5.42 -14.83 2.57
N PRO A 166 6.69 -14.38 2.69
CA PRO A 166 7.84 -15.20 2.30
C PRO A 166 7.87 -16.62 2.88
N ASP A 167 7.40 -16.80 4.12
CA ASP A 167 7.41 -18.14 4.73
C ASP A 167 6.41 -19.09 4.10
N ASP A 168 5.49 -18.55 3.28
CA ASP A 168 4.53 -19.38 2.54
C ASP A 168 5.10 -19.92 1.23
N LEU A 169 6.32 -19.48 0.90
CA LEU A 169 6.94 -19.77 -0.39
C LEU A 169 7.05 -21.26 -0.74
N PRO A 170 7.53 -22.10 0.20
CA PRO A 170 7.55 -23.55 -0.06
C PRO A 170 6.20 -24.11 -0.53
N ALA A 171 5.10 -23.70 0.10
CA ALA A 171 3.77 -24.16 -0.30
C ALA A 171 3.26 -23.46 -1.57
N PHE A 172 3.64 -22.20 -1.73
CA PHE A 172 3.24 -21.37 -2.90
C PHE A 172 3.94 -21.87 -4.15
N ASN A 173 5.25 -22.07 -4.07
CA ASN A 173 6.05 -22.61 -5.16
C ASN A 173 5.56 -23.95 -5.72
N LYS A 174 5.14 -24.86 -4.83
CA LYS A 174 4.56 -26.14 -5.26
C LYS A 174 3.23 -25.94 -5.97
N LYS A 175 2.38 -25.10 -5.40
CA LYS A 175 1.07 -24.84 -5.96
C LYS A 175 1.11 -24.07 -7.28
N ILE A 176 2.04 -23.12 -7.41
CA ILE A 176 2.09 -22.34 -8.66
C ILE A 176 2.51 -23.22 -9.83
N VAL A 177 3.43 -24.15 -9.57
CA VAL A 177 3.90 -25.12 -10.56
C VAL A 177 2.79 -26.08 -10.98
N GLU A 178 2.01 -26.59 -10.03
CA GLU A 178 0.81 -27.39 -10.35
C GLU A 178 -0.17 -26.65 -11.27
N GLU A 179 -0.44 -25.39 -10.95
CA GLU A 179 -1.41 -24.59 -11.72
C GLU A 179 -0.90 -24.14 -13.09
N PHE A 180 0.35 -23.68 -13.16
CA PHE A 180 0.97 -23.35 -14.45
C PHE A 180 1.03 -24.58 -15.38
N ALA A 181 1.22 -25.76 -14.81
CA ALA A 181 1.23 -26.99 -15.58
C ALA A 181 -0.16 -27.41 -16.08
N GLU A 182 -1.20 -27.14 -15.30
CA GLU A 182 -2.56 -27.55 -15.74
C GLU A 182 -3.12 -26.65 -16.86
N GLY A 183 -2.64 -25.41 -16.93
CA GLY A 183 -2.83 -24.54 -18.10
C GLY A 183 -4.02 -23.60 -18.12
N ASP A 184 -4.79 -23.69 -19.19
CA ASP A 184 -5.97 -22.88 -19.43
C ASP A 184 -7.09 -23.19 -18.44
N HIS A 185 -7.47 -22.20 -17.64
CA HIS A 185 -8.57 -22.31 -16.66
C HIS A 185 -9.81 -21.53 -17.09
N SER A 186 -9.97 -21.29 -18.38
CA SER A 186 -11.12 -20.53 -18.89
C SER A 186 -12.44 -21.11 -18.40
N SER A 187 -12.55 -22.45 -18.42
CA SER A 187 -13.82 -23.12 -18.09
C SER A 187 -14.20 -23.00 -16.61
N ARG A 188 -13.20 -22.72 -15.76
CA ARG A 188 -13.42 -22.54 -14.34
C ARG A 188 -13.69 -21.08 -13.95
N ARG A 189 -13.77 -20.19 -14.96
CA ARG A 189 -13.94 -18.73 -14.76
C ARG A 189 -15.17 -18.17 -15.45
N LYS A 190 -15.96 -19.04 -16.08
CA LYS A 190 -17.10 -18.66 -16.94
C LYS A 190 -18.09 -17.68 -16.29
N ASP B 6 -0.68 30.07 13.90
CA ASP B 6 -1.32 30.70 15.09
C ASP B 6 -1.42 29.68 16.23
N LEU B 7 -0.35 28.90 16.38
CA LEU B 7 -0.36 27.62 17.08
C LEU B 7 0.39 27.54 18.42
N THR B 8 0.82 28.68 18.95
CA THR B 8 1.55 28.67 20.24
C THR B 8 0.75 27.93 21.30
N GLY B 9 1.39 26.99 21.99
CA GLY B 9 0.73 26.20 23.02
C GLY B 9 -0.08 25.02 22.50
N LYS B 10 0.00 24.76 21.19
CA LYS B 10 -0.64 23.58 20.59
C LYS B 10 0.42 22.50 20.32
N LYS B 11 0.12 21.28 20.76
CA LYS B 11 1.02 20.14 20.54
C LYS B 11 0.38 19.12 19.59
N ILE B 12 1.07 18.83 18.49
CA ILE B 12 0.55 17.94 17.45
C ILE B 12 1.31 16.61 17.46
N ALA B 13 0.59 15.51 17.61
CA ALA B 13 1.18 14.16 17.53
C ALA B 13 1.36 13.75 16.07
N ILE B 14 2.56 13.29 15.72
CA ILE B 14 2.79 12.75 14.39
C ILE B 14 2.98 11.24 14.52
N LEU B 15 2.06 10.49 13.92
CA LEU B 15 2.12 9.03 13.93
C LEU B 15 2.76 8.51 12.64
N ALA B 16 3.92 7.88 12.78
CA ALA B 16 4.61 7.34 11.62
C ALA B 16 5.48 6.13 12.01
N ALA B 17 5.57 5.18 11.09
CA ALA B 17 6.45 4.01 11.19
C ALA B 17 7.58 4.09 10.15
N ASP B 18 8.49 3.13 10.19
CA ASP B 18 9.43 2.90 9.07
C ASP B 18 8.69 2.99 7.72
N GLY B 19 9.37 3.56 6.73
CA GLY B 19 8.84 3.72 5.39
C GLY B 19 8.19 5.07 5.17
N VAL B 20 8.30 5.98 6.16
CA VAL B 20 7.70 7.32 6.08
C VAL B 20 8.35 8.19 4.98
N GLU B 21 7.54 8.79 4.11
CA GLU B 21 8.10 9.77 3.17
C GLU B 21 8.68 10.96 3.94
N GLU B 22 9.95 11.24 3.71
CA GLU B 22 10.68 12.26 4.50
C GLU B 22 10.07 13.67 4.51
N ILE B 23 9.83 14.23 3.33
CA ILE B 23 9.29 15.60 3.18
C ILE B 23 7.88 15.74 3.81
N GLU B 24 7.08 14.67 3.76
CA GLU B 24 5.75 14.67 4.36
C GLU B 24 5.78 14.66 5.89
N LEU B 25 6.89 14.19 6.48
CA LEU B 25 7.12 14.37 7.91
C LEU B 25 7.69 15.76 8.26
N THR B 26 8.76 16.15 7.57
CA THR B 26 9.55 17.32 7.95
C THR B 26 8.93 18.65 7.53
N SER B 27 8.24 18.68 6.40
CA SER B 27 7.66 19.93 5.91
C SER B 27 6.45 20.39 6.74
N PRO B 28 5.46 19.50 6.98
CA PRO B 28 4.36 19.88 7.89
C PRO B 28 4.82 20.17 9.30
N ARG B 29 5.80 19.41 9.82
CA ARG B 29 6.38 19.70 11.13
C ARG B 29 6.99 21.10 11.22
N ALA B 30 7.72 21.51 10.17
CA ALA B 30 8.31 22.85 10.12
C ALA B 30 7.27 23.96 10.06
N ALA B 31 6.14 23.71 9.39
CA ALA B 31 5.04 24.67 9.28
C ALA B 31 4.32 24.83 10.62
N ILE B 32 4.17 23.72 11.33
CA ILE B 32 3.60 23.74 12.69
C ILE B 32 4.50 24.53 13.64
N GLU B 33 5.81 24.26 13.56
CA GLU B 33 6.79 24.93 14.44
C GLU B 33 6.92 26.42 14.10
N ALA B 34 6.94 26.74 12.80
CA ALA B 34 6.86 28.13 12.34
C ALA B 34 5.61 28.89 12.86
N ALA B 35 4.49 28.17 13.01
CA ALA B 35 3.25 28.73 13.55
C ALA B 35 3.26 28.89 15.09
N GLY B 36 4.34 28.47 15.73
CA GLY B 36 4.48 28.55 17.18
C GLY B 36 4.16 27.26 17.90
N GLY B 37 3.69 26.25 17.16
CA GLY B 37 3.30 24.98 17.75
C GLY B 37 4.47 24.05 17.97
N THR B 38 4.20 22.90 18.59
CA THR B 38 5.23 21.87 18.82
C THR B 38 4.70 20.52 18.33
N THR B 39 5.59 19.58 18.04
CA THR B 39 5.17 18.26 17.61
C THR B 39 5.91 17.15 18.37
N GLU B 40 5.32 15.97 18.40
CA GLU B 40 6.02 14.78 18.92
C GLU B 40 5.80 13.62 17.93
N LEU B 41 6.88 12.87 17.66
CA LEU B 41 6.83 11.70 16.79
C LEU B 41 6.39 10.46 17.58
N ILE B 42 5.23 9.92 17.20
CA ILE B 42 4.63 8.76 17.85
C ILE B 42 4.76 7.58 16.89
N SER B 43 5.16 6.41 17.41
CA SER B 43 5.46 5.25 16.56
C SER B 43 5.22 3.91 17.26
N LEU B 44 5.50 2.83 16.53
CA LEU B 44 5.25 1.45 16.94
C LEU B 44 6.29 0.90 17.91
N GLU B 45 7.56 1.26 17.68
CA GLU B 45 8.70 0.82 18.50
C GLU B 45 9.58 2.02 18.89
N PRO B 46 10.32 1.94 20.02
CA PRO B 46 11.25 2.99 20.43
C PRO B 46 12.43 3.25 19.46
N GLY B 47 13.20 4.30 19.72
CA GLY B 47 14.41 4.59 18.95
C GLY B 47 14.20 5.54 17.78
N GLU B 48 14.38 5.02 16.57
CA GLU B 48 14.22 5.82 15.35
C GLU B 48 13.36 5.09 14.32
N ILE B 49 12.81 5.85 13.39
CA ILE B 49 12.17 5.28 12.21
C ILE B 49 12.95 5.68 10.96
N GLN B 50 12.91 4.83 9.94
CA GLN B 50 13.56 5.10 8.67
C GLN B 50 12.68 5.91 7.71
N SER B 51 13.10 7.13 7.38
CA SER B 51 12.40 7.88 6.32
C SER B 51 12.94 7.50 4.93
N MET B 52 12.10 7.70 3.92
CA MET B 52 12.42 7.38 2.54
C MET B 52 12.19 8.62 1.66
N LYS B 53 12.79 8.58 0.48
CA LYS B 53 12.57 9.52 -0.60
C LYS B 53 11.97 8.69 -1.72
N GLY B 54 10.85 9.14 -2.31
CA GLY B 54 10.15 8.37 -3.35
C GLY B 54 9.87 6.93 -2.96
N ASP B 55 9.52 6.72 -1.69
CA ASP B 55 9.08 5.43 -1.16
C ASP B 55 10.20 4.41 -0.96
N ILE B 56 11.24 4.43 -1.79
CA ILE B 56 12.24 3.36 -1.79
C ILE B 56 13.73 3.73 -1.61
N GLU B 57 14.05 5.02 -1.58
CA GLU B 57 15.42 5.44 -1.29
C GLU B 57 15.53 5.87 0.16
N PRO B 58 16.22 5.06 1.00
CA PRO B 58 16.36 5.38 2.41
C PRO B 58 17.06 6.71 2.63
N GLN B 59 16.40 7.58 3.38
CA GLN B 59 16.95 8.88 3.70
C GLN B 59 17.37 8.87 5.17
N GLU B 60 17.07 9.96 5.88
CA GLU B 60 17.47 10.10 7.29
C GLU B 60 16.57 9.30 8.23
N LYS B 61 17.13 8.94 9.39
CA LYS B 61 16.35 8.34 10.47
C LYS B 61 15.92 9.44 11.45
N TYR B 62 14.69 9.35 11.95
CA TYR B 62 14.16 10.36 12.89
C TYR B 62 13.82 9.73 14.24
N ARG B 63 14.18 10.43 15.32
CA ARG B 63 13.97 9.88 16.66
C ARG B 63 12.50 9.88 17.07
N VAL B 64 12.09 8.71 17.57
CA VAL B 64 10.77 8.50 18.14
C VAL B 64 10.76 9.14 19.53
N ASP B 65 9.67 9.81 19.86
CA ASP B 65 9.48 10.39 21.19
C ASP B 65 8.76 9.40 22.13
N HIS B 66 7.67 8.83 21.63
CA HIS B 66 6.83 7.93 22.41
C HIS B 66 6.33 6.78 21.55
N VAL B 67 6.25 5.59 22.14
CA VAL B 67 5.54 4.43 21.59
C VAL B 67 4.05 4.77 21.70
N VAL B 68 3.25 4.20 20.81
CA VAL B 68 1.83 4.52 20.71
C VAL B 68 1.04 4.00 21.92
N SER B 69 1.51 2.90 22.50
CA SER B 69 0.90 2.29 23.67
C SER B 69 1.48 2.85 24.95
N GLU B 70 1.62 4.18 25.01
CA GLU B 70 2.20 4.89 26.16
C GLU B 70 1.72 6.33 26.25
N VAL B 71 1.04 6.80 25.19
CA VAL B 71 0.65 8.21 25.11
C VAL B 71 -0.88 8.41 25.22
N GLN B 72 -1.31 9.59 25.65
CA GLN B 72 -2.74 9.89 25.84
C GLN B 72 -3.26 10.90 24.82
N VAL B 73 -4.50 10.70 24.38
CA VAL B 73 -5.19 11.63 23.46
C VAL B 73 -5.22 13.07 23.99
N SER B 74 -5.60 13.24 25.25
CA SER B 74 -5.69 14.57 25.87
C SER B 74 -4.34 15.29 25.90
N ASP B 75 -3.26 14.54 25.64
CA ASP B 75 -1.92 15.12 25.51
C ASP B 75 -1.75 16.01 24.26
N TYR B 76 -2.64 15.84 23.27
CA TYR B 76 -2.47 16.50 21.97
C TYR B 76 -3.66 17.32 21.50
N ASP B 77 -3.36 18.35 20.72
CA ASP B 77 -4.37 19.23 20.13
C ASP B 77 -4.68 18.84 18.68
N GLY B 78 -3.95 17.89 18.14
CA GLY B 78 -4.14 17.45 16.76
C GLY B 78 -3.26 16.29 16.37
N LEU B 79 -3.50 15.76 15.17
CA LEU B 79 -2.84 14.56 14.67
C LEU B 79 -2.39 14.70 13.22
N LEU B 80 -1.11 14.47 12.97
CA LEU B 80 -0.61 14.40 11.61
C LEU B 80 -0.33 12.95 11.22
N LEU B 81 -0.86 12.57 10.06
CA LEU B 81 -0.62 11.26 9.44
C LEU B 81 0.12 11.39 8.08
N PRO B 82 1.48 11.43 8.12
CA PRO B 82 2.25 11.53 6.88
C PRO B 82 2.19 10.23 6.07
N GLY B 83 2.56 10.31 4.79
CA GLY B 83 2.52 9.15 3.90
C GLY B 83 3.84 8.42 3.74
N GLY B 84 4.15 8.08 2.49
CA GLY B 84 5.14 7.05 2.17
C GLY B 84 4.36 5.75 2.22
N THR B 85 4.51 4.91 1.21
CA THR B 85 3.68 3.72 1.05
C THR B 85 3.76 2.73 2.23
N VAL B 86 4.99 2.39 2.63
CA VAL B 86 5.22 1.33 3.63
C VAL B 86 4.73 1.72 5.04
N ASN B 87 4.75 3.01 5.35
CA ASN B 87 4.50 3.46 6.72
C ASN B 87 3.04 3.23 7.20
N PRO B 88 2.04 3.81 6.49
CA PRO B 88 0.66 3.50 6.91
C PRO B 88 0.26 2.01 6.75
N ASP B 89 0.89 1.29 5.83
CA ASP B 89 0.69 -0.17 5.66
C ASP B 89 1.19 -0.95 6.88
N LYS B 90 2.24 -0.43 7.52
CA LYS B 90 2.77 -1.00 8.75
C LYS B 90 1.88 -0.56 9.93
N LEU B 91 1.56 0.74 9.97
CA LEU B 91 0.74 1.35 11.03
C LEU B 91 -0.61 0.67 11.21
N ARG B 92 -1.24 0.28 10.09
CA ARG B 92 -2.64 -0.16 10.10
C ARG B 92 -2.86 -1.56 10.70
N LEU B 93 -1.78 -2.32 10.87
CA LEU B 93 -1.86 -3.66 11.48
C LEU B 93 -1.75 -3.68 13.00
N GLU B 94 -1.35 -2.55 13.56
CA GLU B 94 -1.17 -2.42 15.01
C GLU B 94 -2.41 -1.84 15.69
N GLU B 95 -3.02 -2.63 16.56
CA GLU B 95 -4.25 -2.22 17.25
C GLU B 95 -4.05 -0.94 18.07
N GLY B 96 -2.94 -0.87 18.79
CA GLY B 96 -2.58 0.33 19.57
C GLY B 96 -2.57 1.59 18.74
N ALA B 97 -1.96 1.52 17.56
CA ALA B 97 -1.85 2.68 16.65
C ALA B 97 -3.19 3.11 16.04
N MET B 98 -4.04 2.13 15.72
CA MET B 98 -5.36 2.42 15.12
C MET B 98 -6.40 2.88 16.15
N LYS B 99 -6.27 2.39 17.38
CA LYS B 99 -7.10 2.86 18.50
C LYS B 99 -6.78 4.32 18.85
N PHE B 100 -5.44 4.66 18.68
CA PHE B 100 -5.01 6.03 18.98
C PHE B 100 -5.54 7.03 17.93
N VAL B 101 -5.54 6.64 16.65
CA VAL B 101 -6.09 7.54 15.62
C VAL B 101 -7.62 7.61 15.73
N ARG B 102 -8.23 6.54 16.27
CA ARG B 102 -9.68 6.51 16.41
C ARG B 102 -10.12 7.37 17.60
N ASP B 103 -9.36 7.31 18.71
CA ASP B 103 -9.66 8.14 19.90
C ASP B 103 -9.47 9.64 19.64
N MET B 104 -8.45 9.99 18.85
CA MET B 104 -8.19 11.38 18.45
C MET B 104 -9.38 11.97 17.67
N TYR B 105 -9.96 11.14 16.78
CA TYR B 105 -11.14 11.50 15.98
C TYR B 105 -12.37 11.65 16.86
N ASP B 106 -12.60 10.65 17.70
CA ASP B 106 -13.78 10.59 18.55
C ASP B 106 -13.79 11.66 19.65
N ALA B 107 -12.63 12.27 19.94
CA ALA B 107 -12.55 13.35 20.95
C ALA B 107 -12.61 14.74 20.28
N GLY B 108 -12.64 14.74 18.88
CA GLY B 108 -12.92 15.98 18.16
C GLY B 108 -11.69 16.73 17.68
N LYS B 109 -10.51 16.15 17.93
CA LYS B 109 -9.26 16.76 17.55
C LYS B 109 -9.06 16.77 16.03
N PRO B 110 -8.50 17.87 15.49
CA PRO B 110 -8.19 17.97 14.08
C PRO B 110 -7.18 16.91 13.62
N ILE B 111 -7.40 16.34 12.45
CA ILE B 111 -6.55 15.31 11.89
C ILE B 111 -6.14 15.73 10.48
N ALA B 112 -4.87 15.50 10.15
CA ALA B 112 -4.35 15.77 8.82
C ALA B 112 -3.64 14.53 8.28
N ALA B 113 -3.96 14.16 7.04
CA ALA B 113 -3.36 13.01 6.40
C ALA B 113 -3.00 13.35 4.98
N ILE B 114 -1.79 12.97 4.59
CA ILE B 114 -1.30 13.27 3.24
C ILE B 114 -0.86 11.99 2.53
N HIS B 116 -0.25 8.58 1.21
CA HIS B 116 -0.69 7.23 1.66
C HIS B 116 -1.21 7.24 3.10
N GLY B 117 -0.93 8.33 3.82
CA GLY B 117 -1.43 8.55 5.18
C GLY B 117 -2.91 8.25 5.42
N PRO B 118 -3.80 8.68 4.49
CA PRO B 118 -5.21 8.28 4.69
C PRO B 118 -5.54 6.78 4.82
N TRP B 119 -4.59 5.87 4.57
CA TRP B 119 -4.87 4.43 4.84
C TRP B 119 -5.39 4.16 6.25
N SER B 120 -4.83 4.86 7.25
CA SER B 120 -5.22 4.69 8.64
C SER B 120 -6.65 5.19 8.87
N LEU B 121 -7.11 6.11 8.03
CA LEU B 121 -8.48 6.61 8.12
C LEU B 121 -9.47 5.59 7.56
N SER B 122 -9.03 4.78 6.60
CA SER B 122 -9.85 3.65 6.14
C SER B 122 -9.96 2.54 7.19
N GLU B 123 -8.81 2.12 7.75
CA GLU B 123 -8.74 0.98 8.68
C GLU B 123 -9.59 1.19 9.93
N THR B 124 -9.78 2.45 10.25
CA THR B 124 -10.27 2.90 11.52
C THR B 124 -11.76 3.31 11.39
N GLY B 125 -12.25 3.25 10.15
CA GLY B 125 -13.65 3.56 9.85
C GLY B 125 -13.96 5.04 9.64
N ILE B 126 -12.99 5.91 9.90
CA ILE B 126 -13.14 7.37 9.73
C ILE B 126 -13.49 7.80 8.29
N ALA B 127 -12.99 7.05 7.30
CA ALA B 127 -13.22 7.38 5.88
C ALA B 127 -14.69 7.28 5.42
N GLN B 128 -15.52 6.56 6.18
CA GLN B 128 -16.94 6.38 5.84
C GLN B 128 -17.76 7.67 6.00
N GLY B 129 -18.29 8.16 4.88
CA GLY B 129 -19.05 9.41 4.86
C GLY B 129 -18.20 10.66 4.86
N LEU B 130 -16.89 10.48 4.66
CA LEU B 130 -15.97 11.60 4.65
C LEU B 130 -15.66 12.06 3.23
N LYS B 131 -15.76 13.36 2.99
CA LYS B 131 -15.18 13.96 1.80
C LYS B 131 -13.68 14.10 1.99
N MET B 132 -12.91 13.58 1.04
CA MET B 132 -11.47 13.47 1.22
C MET B 132 -10.72 13.25 -0.10
N THR B 133 -9.40 13.45 -0.06
CA THR B 133 -8.53 13.04 -1.16
C THR B 133 -7.40 12.15 -0.64
N SER B 134 -6.48 11.75 -1.51
CA SER B 134 -5.33 10.94 -1.11
C SER B 134 -4.46 10.76 -2.32
N TRP B 135 -3.34 10.07 -2.16
N TRP B 135 -3.33 10.07 -2.14
CA TRP B 135 -2.59 9.60 -3.31
CA TRP B 135 -2.58 9.54 -3.28
C TRP B 135 -3.49 8.66 -4.10
C TRP B 135 -3.54 8.66 -4.10
N SER B 136 -3.42 8.74 -5.43
CA SER B 136 -4.38 8.11 -6.35
C SER B 136 -4.61 6.60 -6.11
N SER B 137 -3.57 5.89 -5.68
CA SER B 137 -3.61 4.44 -5.50
C SER B 137 -4.57 3.98 -4.38
N LEU B 138 -4.89 4.89 -3.46
CA LEU B 138 -5.84 4.65 -2.37
C LEU B 138 -7.30 4.87 -2.76
N LYS B 139 -7.54 5.42 -3.95
CA LYS B 139 -8.89 5.71 -4.42
C LYS B 139 -9.83 4.52 -4.27
N ARG B 140 -9.44 3.36 -4.79
CA ARG B 140 -10.26 2.16 -4.73
C ARG B 140 -10.70 1.80 -3.31
N GLU B 141 -9.74 1.63 -2.39
CA GLU B 141 -10.09 1.26 -1.02
C GLU B 141 -10.97 2.31 -0.33
N LEU B 142 -10.62 3.58 -0.50
CA LEU B 142 -11.36 4.67 0.17
C LEU B 142 -12.80 4.75 -0.33
N THR B 143 -12.98 4.50 -1.61
CA THR B 143 -14.31 4.41 -2.24
C THR B 143 -15.14 3.25 -1.66
N LEU B 144 -14.52 2.07 -1.54
CA LEU B 144 -15.20 0.89 -1.01
C LEU B 144 -15.49 1.01 0.50
N ALA B 145 -14.74 1.89 1.16
CA ALA B 145 -14.88 2.14 2.59
C ALA B 145 -16.02 3.12 2.87
N GLY B 146 -16.48 3.79 1.83
CA GLY B 146 -17.64 4.68 1.94
C GLY B 146 -17.28 6.14 1.94
N ALA B 147 -16.08 6.46 1.49
CA ALA B 147 -15.63 7.86 1.39
C ALA B 147 -16.18 8.50 0.13
N GLN B 148 -16.27 9.83 0.17
CA GLN B 148 -16.55 10.65 -0.99
C GLN B 148 -15.19 11.12 -1.51
N TRP B 149 -14.60 10.31 -2.39
CA TRP B 149 -13.23 10.57 -2.85
C TRP B 149 -13.23 11.53 -4.04
N VAL B 150 -12.38 12.55 -3.96
CA VAL B 150 -12.17 13.50 -5.06
C VAL B 150 -10.67 13.75 -5.31
N ASP B 151 -10.35 14.15 -6.53
CA ASP B 151 -8.96 14.42 -6.93
C ASP B 151 -8.66 15.91 -6.81
N GLU B 152 -8.31 16.34 -5.59
CA GLU B 152 -8.06 17.74 -5.30
C GLU B 152 -6.83 17.99 -4.41
N GLU B 153 -6.26 19.17 -4.54
CA GLU B 153 -5.07 19.57 -3.81
C GLU B 153 -5.18 19.40 -2.29
N CYS B 154 -6.24 19.94 -1.70
CA CYS B 154 -6.44 19.87 -0.25
C CYS B 154 -7.92 19.89 0.09
N VAL B 155 -8.39 18.83 0.76
CA VAL B 155 -9.80 18.72 1.17
C VAL B 155 -9.92 18.74 2.71
N THR B 156 -10.85 19.54 3.23
CA THR B 156 -11.18 19.54 4.66
C THR B 156 -12.66 19.18 4.84
N ASP B 157 -12.93 18.17 5.66
CA ASP B 157 -14.29 17.81 6.05
C ASP B 157 -14.27 17.22 7.45
N LYS B 158 -15.19 17.67 8.30
CA LYS B 158 -15.28 17.28 9.71
C LYS B 158 -13.96 17.52 10.45
N GLY B 159 -13.21 18.53 10.01
CA GLY B 159 -11.88 18.80 10.56
C GLY B 159 -10.84 17.74 10.29
N VAL B 160 -11.04 16.98 9.22
CA VAL B 160 -10.04 16.05 8.72
C VAL B 160 -9.51 16.61 7.41
N VAL B 161 -8.22 16.94 7.40
CA VAL B 161 -7.54 17.55 6.24
C VAL B 161 -6.76 16.49 5.47
N THR B 162 -7.03 16.39 4.18
CA THR B 162 -6.34 15.43 3.31
C THR B 162 -5.73 16.13 2.10
N SER B 163 -4.58 15.60 1.67
CA SER B 163 -3.86 16.05 0.47
C SER B 163 -3.26 14.83 -0.22
N ARG B 164 -2.81 15.00 -1.45
CA ARG B 164 -2.45 13.87 -2.32
C ARG B 164 -0.98 13.50 -2.36
N LYS B 165 -0.11 14.50 -2.37
CA LYS B 165 1.26 14.31 -2.80
C LYS B 165 2.10 15.48 -2.30
N PRO B 166 3.45 15.36 -2.37
CA PRO B 166 4.35 16.49 -2.02
C PRO B 166 4.03 17.86 -2.67
N ASP B 167 3.55 17.86 -3.91
CA ASP B 167 3.17 19.10 -4.62
C ASP B 167 2.16 19.92 -3.86
N ASP B 168 1.33 19.21 -3.10
CA ASP B 168 0.23 19.78 -2.32
C ASP B 168 0.66 20.33 -0.98
N LEU B 169 1.93 20.14 -0.63
N LEU B 169 1.93 20.15 -0.61
CA LEU B 169 2.47 20.57 0.67
CA LEU B 169 2.41 20.58 0.70
C LEU B 169 2.16 22.03 1.03
C LEU B 169 2.15 22.05 1.06
N PRO B 170 2.48 23.01 0.15
CA PRO B 170 2.17 24.40 0.48
C PRO B 170 0.71 24.62 0.92
N ALA B 171 -0.25 24.05 0.19
CA ALA B 171 -1.67 24.19 0.56
C ALA B 171 -2.07 23.39 1.80
N PHE B 172 -1.61 22.14 1.89
CA PHE B 172 -1.78 21.29 3.06
C PHE B 172 -1.27 21.98 4.32
N ASN B 173 -0.04 22.48 4.25
CA ASN B 173 0.57 23.17 5.38
C ASN B 173 -0.22 24.39 5.83
N LYS B 174 -0.67 25.20 4.88
CA LYS B 174 -1.53 26.36 5.19
C LYS B 174 -2.86 25.95 5.85
N LYS B 175 -3.48 24.88 5.36
CA LYS B 175 -4.76 24.42 5.90
C LYS B 175 -4.65 23.82 7.31
N ILE B 176 -3.62 23.01 7.54
CA ILE B 176 -3.44 22.33 8.83
C ILE B 176 -3.19 23.31 9.96
N VAL B 177 -2.52 24.42 9.67
CA VAL B 177 -2.27 25.44 10.70
C VAL B 177 -3.55 26.16 11.09
N GLU B 178 -4.45 26.38 10.13
CA GLU B 178 -5.73 27.00 10.47
C GLU B 178 -6.71 26.00 11.09
N GLU B 179 -6.58 24.72 10.74
CA GLU B 179 -7.41 23.70 11.37
C GLU B 179 -6.93 23.31 12.77
N PHE B 180 -5.62 23.20 12.97
CA PHE B 180 -5.07 22.93 14.29
C PHE B 180 -5.33 24.11 15.23
N ALA B 181 -5.46 25.31 14.68
CA ALA B 181 -5.79 26.50 15.47
C ALA B 181 -7.22 26.45 16.03
N GLU B 182 -8.17 26.00 15.22
CA GLU B 182 -9.58 26.00 15.64
C GLU B 182 -9.89 24.92 16.70
N GLY B 183 -9.82 23.65 16.31
CA GLY B 183 -9.96 22.55 17.27
C GLY B 183 -11.38 22.17 17.68
N ASP B 184 -11.54 20.95 18.17
CA ASP B 184 -12.82 20.36 18.57
C ASP B 184 -13.91 20.34 17.49
N HIS B 185 -13.99 19.22 16.78
CA HIS B 185 -14.91 19.00 15.68
C HIS B 185 -15.89 17.88 15.99
N SER B 186 -15.92 17.45 17.25
CA SER B 186 -16.82 16.38 17.70
C SER B 186 -18.29 16.74 17.49
N SER B 187 -18.57 18.04 17.33
CA SER B 187 -19.91 18.52 16.99
C SER B 187 -20.23 18.29 15.50
N ARG B 188 -19.20 18.35 14.66
CA ARG B 188 -19.32 18.16 13.22
C ARG B 188 -19.30 16.67 12.84
N ARG B 189 -18.84 15.83 13.77
CA ARG B 189 -18.72 14.39 13.56
C ARG B 189 -19.74 13.62 14.40
N LYS B 190 -20.97 14.15 14.49
CA LYS B 190 -22.03 13.53 15.28
C LYS B 190 -23.14 12.97 14.39
#